data_8PSC
#
_entry.id   8PSC
#
_entity_poly.entity_id   1
_entity_poly.type   'polydeoxyribonucleotide'
_entity_poly.pdbx_seq_one_letter_code
;(DA)(DG)(BGM)(DG)(DT)(DA)(DG)(DG)(DG)(DC)(DG)(DG)(DC)(DG)(DG)(DG)(DG)(DC)(DA)
(DG)(DG)(DG)(DT)
;
_entity_poly.pdbx_strand_id   A
#
loop_
_chem_comp.id
_chem_comp.type
_chem_comp.name
_chem_comp.formula
BGM DNA linking 8-BROMO-2'-DEOXYGUANOSINE-5'-MONOPHOSPHATE 'C10 H13 Br N5 O7 P'
DA DNA linking 2'-DEOXYADENOSINE-5'-MONOPHOSPHATE 'C10 H14 N5 O6 P'
DC DNA linking 2'-DEOXYCYTIDINE-5'-MONOPHOSPHATE 'C9 H14 N3 O7 P'
DG DNA linking 2'-DEOXYGUANOSINE-5'-MONOPHOSPHATE 'C10 H14 N5 O7 P'
DT DNA linking THYMIDINE-5'-MONOPHOSPHATE 'C10 H15 N2 O8 P'
#
# COMPACT_ATOMS: atom_id res chain seq x y z
P BGM A 3 -1.88 4.05 1.86
OP2 BGM A 3 -3.26 3.56 1.62
O5' BGM A 3 -0.86 3.18 1.00
C5' BGM A 3 0.53 3.49 0.95
C4' BGM A 3 1.31 2.50 0.07
O4' BGM A 3 1.42 1.21 0.66
C1' BGM A 3 1.61 0.33 -0.42
N9 BGM A 3 1.51 -1.11 -0.08
C8 BGM A 3 2.48 -2.07 -0.22
N7 BGM A 3 2.16 -3.25 0.24
C5 BGM A 3 0.88 -3.06 0.74
C4 BGM A 3 0.45 -1.77 0.54
N3 BGM A 3 -0.77 -1.26 0.91
C2 BGM A 3 -1.57 -2.16 1.49
N2 BGM A 3 -2.78 -1.79 1.85
N1 BGM A 3 -1.24 -3.46 1.72
C6 BGM A 3 0.00 -4.00 1.38
O6 BGM A 3 0.22 -5.17 1.65
C2' BGM A 3 0.61 0.80 -1.48
C3' BGM A 3 0.71 2.33 -1.34
O3' BGM A 3 1.56 2.93 -2.30
BR BGM A 3 4.18 -1.81 -1.03
H5' BGM A 3 0.94 3.47 1.96
H5'' BGM A 3 0.67 4.49 0.54
H4' BGM A 3 2.32 2.90 -0.04
H1' BGM A 3 2.60 0.52 -0.83
H21 BGM A 3 -3.42 -2.41 2.32
H22 BGM A 3 -3.04 -0.83 1.68
H1 BGM A 3 -1.91 -4.10 2.11
H2' BGM A 3 0.91 0.47 -2.47
H2'' BGM A 3 -0.39 0.47 -1.24
H3' BGM A 3 -0.29 2.76 -1.38
P BGM A 3 -1.76 4.14 1.66
OP2 BGM A 3 -3.16 3.73 1.35
O5' BGM A 3 -0.75 3.20 0.82
C5' BGM A 3 0.64 3.45 0.79
C4' BGM A 3 1.38 2.44 -0.11
O4' BGM A 3 1.44 1.14 0.46
C1' BGM A 3 1.57 0.26 -0.63
N9 BGM A 3 1.42 -1.18 -0.29
C8 BGM A 3 2.35 -2.18 -0.44
N7 BGM A 3 2.01 -3.33 0.07
C5 BGM A 3 0.75 -3.09 0.60
C4 BGM A 3 0.36 -1.78 0.37
N3 BGM A 3 -0.83 -1.22 0.76
C2 BGM A 3 -1.64 -2.07 1.39
N2 BGM A 3 -2.81 -1.64 1.78
N1 BGM A 3 -1.34 -3.38 1.66
C6 BGM A 3 -0.14 -3.96 1.30
O6 BGM A 3 0.06 -5.14 1.61
C2' BGM A 3 0.57 0.79 -1.66
C3' BGM A 3 0.75 2.30 -1.50
O3' BGM A 3 1.61 2.88 -2.49
BR BGM A 3 4.02 -1.98 -1.32
H5' BGM A 3 1.06 3.40 1.80
H5'' BGM A 3 0.83 4.45 0.40
H4' BGM A 3 2.41 2.80 -0.23
H1' BGM A 3 2.57 0.41 -1.06
H21 BGM A 3 -3.45 -2.23 2.31
H22 BGM A 3 -3.06 -0.70 1.57
H1 BGM A 3 -2.02 -3.98 2.09
H2' BGM A 3 0.82 0.45 -2.66
H2'' BGM A 3 -0.44 0.50 -1.39
H3' BGM A 3 -0.23 2.79 -1.53
P BGM A 3 -2.45 3.78 1.16
OP2 BGM A 3 -3.84 3.28 1.07
O5' BGM A 3 -1.51 2.83 0.25
C5' BGM A 3 -0.14 3.15 0.04
C4' BGM A 3 0.58 2.09 -0.81
O4' BGM A 3 0.75 0.86 -0.12
C1' BGM A 3 0.96 -0.10 -1.14
N9 BGM A 3 0.91 -1.52 -0.69
C8 BGM A 3 1.90 -2.47 -0.81
N7 BGM A 3 1.61 -3.63 -0.29
C5 BGM A 3 0.33 -3.44 0.23
C4 BGM A 3 -0.11 -2.15 -0.01
N3 BGM A 3 -1.32 -1.63 0.38
C2 BGM A 3 -2.08 -2.50 1.05
N2 BGM A 3 -3.25 -2.09 1.47
N1 BGM A 3 -1.73 -3.79 1.33
C6 BGM A 3 -0.51 -4.34 0.96
O6 BGM A 3 -0.28 -5.50 1.29
C2' BGM A 3 -0.07 0.24 -2.21
C3' BGM A 3 -0.15 1.76 -2.13
O3' BGM A 3 0.51 2.42 -3.22
BR BGM A 3 3.56 -2.21 -1.69
H5' BGM A 3 0.37 3.22 1.00
H5'' BGM A 3 -0.06 4.11 -0.48
H4' BGM A 3 1.56 2.47 -1.06
H1' BGM A 3 1.93 0.09 -1.57
H21 BGM A 3 -3.86 -2.70 2.02
H22 BGM A 3 -3.53 -1.15 1.26
H1 BGM A 3 -2.38 -4.41 1.77
H2' BGM A 3 0.28 -0.11 -3.17
H2'' BGM A 3 -1.05 -0.19 -1.97
H3' BGM A 3 -1.20 2.07 -2.08
P BGM A 3 -0.76 4.01 2.60
OP2 BGM A 3 -2.21 3.72 2.51
O5' BGM A 3 0.03 3.06 1.56
C5' BGM A 3 1.42 3.20 1.35
C4' BGM A 3 1.97 2.16 0.35
O4' BGM A 3 1.99 0.84 0.90
C1' BGM A 3 2.00 -0.01 -0.23
N9 BGM A 3 1.80 -1.45 0.09
C8 BGM A 3 2.71 -2.47 -0.11
N7 BGM A 3 2.31 -3.63 0.35
C5 BGM A 3 1.06 -3.37 0.89
C4 BGM A 3 0.72 -2.04 0.74
N3 BGM A 3 -0.43 -1.44 1.17
C2 BGM A 3 -1.28 -2.30 1.77
N2 BGM A 3 -2.41 -1.82 2.21
N1 BGM A 3 -1.04 -3.62 1.95
C6 BGM A 3 0.14 -4.24 1.56
O6 BGM A 3 0.28 -5.43 1.80
C2' BGM A 3 0.96 0.60 -1.17
C3' BGM A 3 1.19 2.09 -0.98
O3' BGM A 3 1.97 2.67 -2.01
BR BGM A 3 4.39 -2.31 -0.96
H5' BGM A 3 1.95 3.09 2.29
H5'' BGM A 3 1.62 4.19 0.94
H4' BGM A 3 3.00 2.43 0.13
H1' BGM A 3 2.97 0.11 -0.71
H21 BGM A 3 -3.08 -2.40 2.70
H22 BGM A 3 -2.60 -0.84 2.07
H1 BGM A 3 -1.74 -4.21 2.38
H2' BGM A 3 1.14 0.28 -2.19
H2'' BGM A 3 -0.06 0.34 -0.86
H3' BGM A 3 0.23 2.61 -0.88
P BGM A 3 -2.04 4.49 1.02
OP2 BGM A 3 -3.48 4.12 0.93
O5' BGM A 3 -1.19 3.48 0.08
C5' BGM A 3 0.20 3.66 -0.14
C4' BGM A 3 0.81 2.54 -0.99
O4' BGM A 3 0.94 1.32 -0.28
C1' BGM A 3 1.08 0.34 -1.29
N9 BGM A 3 1.01 -1.06 -0.81
C8 BGM A 3 2.00 -2.02 -0.90
N7 BGM A 3 1.72 -3.16 -0.34
C5 BGM A 3 0.43 -2.96 0.18
C4 BGM A 3 0.00 -1.68 -0.11
N3 BGM A 3 -1.22 -1.16 0.27
C2 BGM A 3 -1.99 -2.02 0.95
N2 BGM A 3 -3.17 -1.60 1.34
N1 BGM A 3 -1.63 -3.29 1.26
C6 BGM A 3 -0.41 -3.84 0.92
O6 BGM A 3 -0.17 -5.00 1.26
C2' BGM A 3 0.02 0.71 -2.33
C3' BGM A 3 0.02 2.24 -2.28
O3' BGM A 3 0.68 2.83 -3.40
BR BGM A 3 3.66 -1.80 -1.79
H5' BGM A 3 0.72 3.71 0.82
H5'' BGM A 3 0.36 4.61 -0.65
H4' BGM A 3 1.82 2.87 -1.28
H1' BGM A 3 2.04 0.50 -1.76
H21 BGM A 3 -3.78 -2.19 1.91
H22 BGM A 3 -3.43 -0.66 1.11
H1 BGM A 3 -2.29 -3.90 1.72
H2' BGM A 3 0.31 0.33 -3.30
H2'' BGM A 3 -0.96 0.34 -2.04
H3' BGM A 3 -1.00 2.61 -2.20
P BGM A 3 -1.52 4.06 2.11
OP2 BGM A 3 -2.95 3.68 2.00
O5' BGM A 3 -0.65 3.11 1.15
C5' BGM A 3 0.74 3.30 0.99
C4' BGM A 3 1.37 2.25 0.05
O4' BGM A 3 1.47 0.97 0.67
C1' BGM A 3 1.61 0.06 -0.40
N9 BGM A 3 1.49 -1.37 -0.03
C8 BGM A 3 2.43 -2.37 -0.19
N7 BGM A 3 2.08 -3.53 0.28
C5 BGM A 3 0.81 -3.30 0.81
C4 BGM A 3 0.43 -1.99 0.63
N3 BGM A 3 -0.75 -1.43 1.04
C2 BGM A 3 -1.57 -2.29 1.65
N2 BGM A 3 -2.72 -1.85 2.06
N1 BGM A 3 -1.27 -3.61 1.87
C6 BGM A 3 -0.08 -4.19 1.49
O6 BGM A 3 0.10 -5.37 1.77
C2' BGM A 3 0.59 0.53 -1.44
C3' BGM A 3 0.60 2.06 -1.26
O3' BGM A 3 1.27 2.72 -2.33
BR BGM A 3 4.09 -2.16 -1.07
H5' BGM A 3 1.25 3.26 1.95
H5'' BGM A 3 0.92 4.28 0.54
H4' BGM A 3 2.37 2.58 -0.18
H1' BGM A 3 2.59 0.23 -0.84
H21 BGM A 3 -3.37 -2.44 2.56
H22 BGM A 3 -2.95 -0.88 1.89
H1 BGM A 3 -1.96 -4.21 2.30
H2' BGM A 3 0.89 0.22 -2.42
H2'' BGM A 3 -0.40 0.14 -1.20
H3' BGM A 3 -0.43 2.41 -1.17
P BGM A 3 -2.19 4.36 0.88
OP2 BGM A 3 -3.60 3.87 0.80
O5' BGM A 3 -1.26 3.39 -0.01
C5' BGM A 3 0.12 3.67 -0.19
C4' BGM A 3 0.82 2.58 -1.02
O4' BGM A 3 0.96 1.35 -0.30
C1' BGM A 3 1.13 0.37 -1.31
N9 BGM A 3 1.06 -1.04 -0.82
C8 BGM A 3 2.05 -1.99 -0.90
N7 BGM A 3 1.76 -3.12 -0.33
C5 BGM A 3 0.48 -2.91 0.18
C4 BGM A 3 0.03 -1.64 -0.12
N3 BGM A 3 -1.19 -1.11 0.24
C2 BGM A 3 -1.96 -1.97 0.92
N2 BGM A 3 -3.14 -1.55 1.31
N1 BGM A 3 -1.60 -3.25 1.25
C6 BGM A 3 -0.38 -3.80 0.92
O6 BGM A 3 -0.13 -4.95 1.28
C2' BGM A 3 0.09 0.72 -2.37
C3' BGM A 3 0.09 2.25 -2.33
O3' BGM A 3 0.78 2.83 -3.44
BR BGM A 3 3.71 -1.77 -1.77
H5' BGM A 3 0.61 3.75 0.78
H5'' BGM A 3 0.23 4.61 -0.71
H4' BGM A 3 1.82 2.93 -1.26
H1' BGM A 3 2.10 0.53 -1.75
H21 BGM A 3 -3.74 -2.13 1.88
H22 BGM A 3 -3.40 -0.61 1.07
H1 BGM A 3 -2.26 -3.84 1.72
H2' BGM A 3 0.41 0.33 -3.34
H2'' BGM A 3 -0.90 0.35 -2.10
H3' BGM A 3 -0.94 2.61 -2.30
P BGM A 3 0.47 4.68 2.74
OP2 BGM A 3 0.39 6.00 2.05
O5' BGM A 3 1.02 3.61 1.67
C5' BGM A 3 0.45 3.51 0.36
C4' BGM A 3 1.22 2.48 -0.48
O4' BGM A 3 1.34 1.20 0.13
C1' BGM A 3 1.51 0.30 -0.95
N9 BGM A 3 1.41 -1.13 -0.57
C8 BGM A 3 2.35 -2.12 -0.74
N7 BGM A 3 2.01 -3.29 -0.24
C5 BGM A 3 0.76 -3.06 0.31
C4 BGM A 3 0.37 -1.75 0.12
N3 BGM A 3 -0.80 -1.19 0.55
C2 BGM A 3 -1.60 -2.05 1.18
N2 BGM A 3 -2.75 -1.60 1.61
N1 BGM A 3 -1.30 -3.37 1.40
C6 BGM A 3 -0.11 -3.95 1.01
O6 BGM A 3 0.07 -5.13 1.28
C2' BGM A 3 0.49 0.75 -1.98
C3' BGM A 3 0.54 2.27 -1.86
O3' BGM A 3 1.33 2.90 -2.86
BR BGM A 3 4.00 -1.91 -1.65
H5' BGM A 3 0.50 4.48 -0.13
H5'' BGM A 3 -0.60 3.21 0.43
H4' BGM A 3 2.23 2.88 -0.65
H1' BGM A 3 2.50 0.48 -1.38
H21 BGM A 3 -3.39 -2.19 2.14
H22 BGM A 3 -2.97 -0.64 1.44
H1 BGM A 3 -1.98 -3.96 1.86
H2' BGM A 3 0.77 0.40 -2.98
H2'' BGM A 3 -0.51 0.39 -1.72
H3' BGM A 3 -0.47 2.68 -1.84
P BGM A 3 -2.77 4.20 0.77
OP2 BGM A 3 -4.14 3.64 0.76
O5' BGM A 3 -1.81 3.26 -0.11
C5' BGM A 3 -0.46 3.61 -0.37
C4' BGM A 3 0.28 2.56 -1.20
O4' BGM A 3 0.52 1.35 -0.47
C1' BGM A 3 0.74 0.37 -1.48
N9 BGM A 3 0.77 -1.03 -0.98
C8 BGM A 3 1.81 -1.93 -1.08
N7 BGM A 3 1.60 -3.08 -0.49
C5 BGM A 3 0.32 -2.93 0.05
C4 BGM A 3 -0.20 -1.68 -0.24
N3 BGM A 3 -1.43 -1.21 0.15
C2 BGM A 3 -2.13 -2.08 0.87
N2 BGM A 3 -3.31 -1.71 1.30
N1 BGM A 3 -1.71 -3.33 1.19
C6 BGM A 3 -0.46 -3.84 0.84
O6 BGM A 3 -0.15 -4.97 1.21
C2' BGM A 3 -0.34 0.64 -2.52
C3' BGM A 3 -0.47 2.17 -2.49
O3' BGM A 3 0.15 2.81 -3.61
BR BGM A 3 3.44 -1.63 -2.00
H5' BGM A 3 0.07 3.74 0.59
H5'' BGM A 3 -0.42 4.56 -0.90
H4' BGM A 3 1.25 2.97 -1.47
H1' BGM A 3 1.70 0.60 -1.95
H21 BGM A 3 -3.88 -2.31 1.88
H22 BGM A 3 -3.62 -0.79 1.05
H1 BGM A 3 -2.32 -3.96 1.69
H2' BGM A 3 -0.01 0.28 -3.50
H2'' BGM A 3 -1.28 0.19 -2.23
H3' BGM A 3 -1.52 2.44 -2.42
P BGM A 3 -1.95 4.28 0.92
OP2 BGM A 3 -3.32 3.77 0.74
O5' BGM A 3 -0.93 3.32 0.11
C5' BGM A 3 0.46 3.63 0.01
C4' BGM A 3 1.23 2.55 -0.76
O4' BGM A 3 1.34 1.33 -0.03
C1' BGM A 3 1.58 0.35 -1.03
N9 BGM A 3 1.51 -1.06 -0.55
C8 BGM A 3 2.53 -1.99 -0.57
N7 BGM A 3 2.22 -3.13 -0.02
C5 BGM A 3 0.92 -2.95 0.41
C4 BGM A 3 0.46 -1.69 0.10
N3 BGM A 3 -0.78 -1.18 0.39
C2 BGM A 3 -1.57 -2.05 1.02
N2 BGM A 3 -2.78 -1.66 1.33
N1 BGM A 3 -1.21 -3.32 1.36
C6 BGM A 3 0.04 -3.86 1.11
O6 BGM A 3 0.27 -5.00 1.48
C2' BGM A 3 0.59 0.69 -2.13
C3' BGM A 3 0.61 2.22 -2.13
O3' BGM A 3 1.44 2.77 -3.15
BR BGM A 3 4.24 -1.74 -1.34
H5' BGM A 3 0.88 3.74 1.01
H5'' BGM A 3 0.57 4.58 -0.51
H4' BGM A 3 2.24 2.94 -0.92
H1' BGM A 3 2.58 0.53 -1.43
H21 BGM A 3 -3.43 -2.26 1.82
H22 BGM A 3 -3.06 -0.73 1.06
H1 BGM A 3 -1.89 -3.93 1.79
H2' BGM A 3 0.93 0.28 -3.08
H2'' BGM A 3 -0.42 0.34 -1.89
H3' BGM A 3 -0.40 2.61 -2.20
#